data_2IHY
#
_entry.id   2IHY
#
_cell.length_a   51.972
_cell.length_b   74.832
_cell.length_c   68.818
_cell.angle_alpha   90.00
_cell.angle_beta   102.21
_cell.angle_gamma   90.00
#
_symmetry.space_group_name_H-M   'P 1 21 1'
#
loop_
_entity.id
_entity.type
_entity.pdbx_description
1 polymer 'ABC transporter, ATP-binding protein'
2 non-polymer 'SULFATE ION'
3 water water
#
_entity_poly.entity_id   1
_entity_poly.type   'polypeptide(L)'
_entity_poly.pdbx_seq_one_letter_code
;GSSHHHHHHSSGLVPRGSH(MSE)LIQLDQIGR(MSE)KQGKTILKKISWQIAKGDKWILYGLNGAGKTTLLNILNAYEP
ATSGTVNLFGK(MSE)PGKVGYSAETVRQHIGFVSHSLLEKFQEGERVIDVVISGAFKSIGVYQDIDDEIRNEAHQLLKL
VG(MSE)SAKAQQYIGYLSTGEKQRV(MSE)IARAL(MSE)GQPQVLILDEPAAGLDFIARESLLSILDSLSDSYPTLA
(MSE)IYVTHFIEEITANFSKILLLKDGQSIQQGAVEDILTSEN(MSE)SRFFQKNVAVQRWNNRFS(MSE)A(MSE)LE
;
_entity_poly.pdbx_strand_id   A,B
#
loop_
_chem_comp.id
_chem_comp.type
_chem_comp.name
_chem_comp.formula
SO4 non-polymer 'SULFATE ION' 'O4 S -2'
#
# COMPACT_ATOMS: atom_id res chain seq x y z
N HIS A 19 27.22 -18.73 15.35
CA HIS A 19 26.20 -18.65 14.27
C HIS A 19 24.95 -17.90 14.72
N MSE A 20 24.64 -17.98 16.01
CA MSE A 20 23.44 -17.33 16.55
C MSE A 20 23.66 -15.83 16.72
O MSE A 20 24.70 -15.41 17.24
CB MSE A 20 23.05 -17.97 17.88
CG MSE A 20 21.61 -17.68 18.27
SE MSE A 20 20.31 -18.35 16.99
CE MSE A 20 20.58 -20.25 17.24
N LEU A 21 22.71 -15.03 16.27
CA LEU A 21 22.81 -13.58 16.36
C LEU A 21 21.84 -13.04 17.40
N ILE A 22 20.57 -13.40 17.27
CA ILE A 22 19.55 -13.00 18.23
C ILE A 22 18.80 -14.23 18.75
N GLN A 23 18.66 -14.31 20.08
CA GLN A 23 17.81 -15.33 20.66
CA GLN A 23 17.86 -15.36 20.73
C GLN A 23 16.85 -14.77 21.70
N LEU A 24 15.56 -14.94 21.39
CA LEU A 24 14.47 -14.62 22.32
C LEU A 24 13.91 -15.95 22.82
N ASP A 25 13.89 -16.14 24.14
CA ASP A 25 13.33 -17.36 24.69
C ASP A 25 12.08 -17.08 25.50
N GLN A 26 10.93 -17.45 24.93
CA GLN A 26 9.61 -17.27 25.56
C GLN A 26 9.44 -15.86 26.17
N ILE A 27 9.69 -14.84 25.36
CA ILE A 27 9.62 -13.46 25.84
C ILE A 27 8.19 -12.93 25.84
N GLY A 28 7.96 -11.98 26.73
CA GLY A 28 6.67 -11.31 26.82
C GLY A 28 6.86 -9.82 26.95
N ARG A 29 5.82 -9.09 26.59
CA ARG A 29 5.82 -7.64 26.68
C ARG A 29 4.47 -7.18 27.21
N MSE A 30 4.49 -6.49 28.35
CA MSE A 30 3.27 -5.92 28.89
C MSE A 30 3.41 -4.42 29.09
O MSE A 30 4.51 -3.92 29.34
CB MSE A 30 2.90 -6.60 30.21
CG MSE A 30 2.59 -8.07 30.05
SE MSE A 30 2.07 -8.87 31.70
CE MSE A 30 0.31 -8.05 31.92
N LYS A 31 2.29 -3.72 28.97
CA LYS A 31 2.24 -2.29 29.18
C LYS A 31 0.90 -1.90 29.81
N GLN A 32 0.97 -1.22 30.95
CA GLN A 32 -0.21 -0.77 31.69
C GLN A 32 -1.19 -1.91 32.00
N GLY A 33 -0.65 -3.11 32.19
CA GLY A 33 -1.45 -4.27 32.57
C GLY A 33 -1.93 -5.12 31.41
N LYS A 34 -1.73 -4.60 30.19
CA LYS A 34 -2.18 -5.27 28.97
C LYS A 34 -1.05 -6.11 28.40
N THR A 35 -1.36 -7.32 27.95
CA THR A 35 -0.38 -8.16 27.27
C THR A 35 -0.22 -7.74 25.80
N ILE A 36 0.99 -7.32 25.43
CA ILE A 36 1.29 -6.85 24.08
C ILE A 36 1.92 -7.98 23.27
N LEU A 37 2.90 -8.66 23.87
CA LEU A 37 3.53 -9.83 23.26
C LEU A 37 3.52 -10.98 24.26
N LYS A 38 3.30 -12.19 23.77
CA LYS A 38 3.21 -13.33 24.66
C LYS A 38 3.96 -14.53 24.13
N LYS A 39 4.84 -15.07 24.98
CA LYS A 39 5.54 -16.34 24.75
C LYS A 39 6.20 -16.44 23.39
N ILE A 40 6.97 -15.42 23.03
CA ILE A 40 7.66 -15.41 21.75
CA ILE A 40 7.65 -15.44 21.76
C ILE A 40 9.06 -16.02 21.88
N SER A 41 9.29 -17.11 21.16
CA SER A 41 10.64 -17.66 21.05
C SER A 41 11.08 -17.50 19.62
N TRP A 42 12.26 -16.94 19.43
CA TRP A 42 12.73 -16.64 18.10
C TRP A 42 14.24 -16.67 18.06
N GLN A 43 14.79 -17.41 17.12
CA GLN A 43 16.23 -17.51 16.95
C GLN A 43 16.61 -17.02 15.55
N ILE A 44 17.53 -16.08 15.48
CA ILE A 44 17.97 -15.55 14.21
C ILE A 44 19.45 -15.78 14.09
N ALA A 45 19.82 -16.53 13.05
CA ALA A 45 21.21 -16.96 12.86
C ALA A 45 21.79 -16.30 11.62
N LYS A 46 23.12 -16.29 11.53
CA LYS A 46 23.81 -15.77 10.35
C LYS A 46 23.21 -16.37 9.10
N GLY A 47 22.98 -15.53 8.09
CA GLY A 47 22.46 -16.00 6.81
C GLY A 47 20.97 -16.21 6.72
N ASP A 48 20.27 -16.13 7.85
CA ASP A 48 18.80 -16.31 7.87
C ASP A 48 18.13 -15.19 7.11
N LYS A 49 17.12 -15.52 6.32
CA LYS A 49 16.25 -14.51 5.74
C LYS A 49 14.82 -14.78 6.18
N TRP A 50 14.35 -13.94 7.09
CA TRP A 50 13.05 -14.09 7.72
C TRP A 50 12.02 -13.11 7.19
N ILE A 51 10.81 -13.61 7.04
CA ILE A 51 9.63 -12.78 6.91
C ILE A 51 8.99 -12.72 8.29
N LEU A 52 8.72 -11.50 8.76
CA LEU A 52 7.81 -11.28 9.89
C LEU A 52 6.44 -10.78 9.40
N TYR A 53 5.42 -11.65 9.51
CA TYR A 53 4.11 -11.43 8.90
C TYR A 53 3.00 -11.36 9.92
N GLY A 54 2.12 -10.39 9.74
CA GLY A 54 0.95 -10.26 10.59
C GLY A 54 0.13 -9.08 10.14
N LEU A 55 -1.14 -9.06 10.54
CA LEU A 55 -2.04 -7.96 10.25
C LEU A 55 -1.56 -6.67 10.94
N ASN A 56 -2.05 -5.52 10.50
CA ASN A 56 -1.91 -4.30 11.30
C ASN A 56 -2.44 -4.59 12.71
N GLY A 57 -1.70 -4.16 13.73
CA GLY A 57 -2.07 -4.40 15.12
C GLY A 57 -1.55 -5.68 15.75
N ALA A 58 -0.78 -6.47 15.00
CA ALA A 58 -0.36 -7.79 15.48
C ALA A 58 0.77 -7.75 16.52
N GLY A 59 1.42 -6.60 16.67
CA GLY A 59 2.54 -6.44 17.60
C GLY A 59 3.90 -6.52 16.93
N LYS A 60 3.94 -6.42 15.60
CA LYS A 60 5.18 -6.53 14.82
C LYS A 60 6.18 -5.44 15.21
N THR A 61 5.67 -4.21 15.33
CA THR A 61 6.51 -3.07 15.70
C THR A 61 7.08 -3.16 17.12
N THR A 62 6.27 -3.58 18.08
CA THR A 62 6.74 -3.84 19.44
C THR A 62 7.84 -4.92 19.44
N LEU A 63 7.65 -5.95 18.63
CA LEU A 63 8.65 -6.99 18.53
C LEU A 63 9.97 -6.45 17.98
N LEU A 64 9.88 -5.62 16.93
CA LEU A 64 11.05 -4.92 16.39
C LEU A 64 11.71 -3.98 17.41
N ASN A 65 10.90 -3.32 18.22
CA ASN A 65 11.42 -2.47 19.31
C ASN A 65 12.27 -3.26 20.30
N ILE A 66 11.89 -4.51 20.54
CA ILE A 66 12.66 -5.40 21.41
C ILE A 66 14.01 -5.75 20.79
N LEU A 67 14.00 -6.12 19.51
CA LEU A 67 15.22 -6.47 18.78
C LEU A 67 16.18 -5.29 18.68
N ASN A 68 15.64 -4.10 18.41
CA ASN A 68 16.43 -2.88 18.29
C ASN A 68 16.82 -2.28 19.66
N ALA A 69 16.39 -2.93 20.73
CA ALA A 69 16.64 -2.51 22.12
C ALA A 69 16.06 -1.13 22.46
N TYR A 70 14.95 -0.78 21.82
CA TYR A 70 14.21 0.44 22.16
C TYR A 70 13.26 0.21 23.32
N GLU A 71 12.86 -1.05 23.49
CA GLU A 71 11.93 -1.44 24.54
C GLU A 71 12.40 -2.76 25.14
N PRO A 72 12.30 -2.90 26.46
CA PRO A 72 12.65 -4.16 27.11
C PRO A 72 11.51 -5.17 27.13
N ALA A 73 11.85 -6.45 26.95
CA ALA A 73 10.97 -7.55 27.34
C ALA A 73 10.60 -7.43 28.83
N THR A 74 9.36 -7.76 29.16
CA THR A 74 8.91 -7.76 30.57
CA THR A 74 8.94 -7.76 30.58
C THR A 74 9.13 -9.14 31.21
N SER A 75 9.29 -10.15 30.37
CA SER A 75 9.51 -11.52 30.83
C SER A 75 10.29 -12.29 29.77
N GLY A 76 10.77 -13.47 30.12
CA GLY A 76 11.58 -14.27 29.19
C GLY A 76 13.00 -13.76 29.16
N THR A 77 13.79 -14.29 28.23
CA THR A 77 15.19 -13.89 28.13
C THR A 77 15.52 -13.37 26.74
N VAL A 78 16.28 -12.29 26.71
CA VAL A 78 16.65 -11.64 25.46
C VAL A 78 18.17 -11.67 25.33
N ASN A 79 18.66 -12.27 24.26
CA ASN A 79 20.09 -12.26 23.97
C ASN A 79 20.29 -11.61 22.61
N LEU A 80 20.88 -10.43 22.62
CA LEU A 80 21.14 -9.70 21.37
C LEU A 80 22.65 -9.62 21.12
N PHE A 81 23.11 -10.45 20.18
CA PHE A 81 24.53 -10.48 19.77
C PHE A 81 25.48 -10.76 20.94
N GLY A 82 25.03 -11.63 21.84
CA GLY A 82 25.83 -12.01 23.02
C GLY A 82 25.62 -11.14 24.24
N LYS A 83 24.82 -10.09 24.10
CA LYS A 83 24.57 -9.15 25.20
C LYS A 83 23.15 -9.31 25.77
N MSE A 84 23.07 -9.35 27.10
CA MSE A 84 21.79 -9.46 27.80
C MSE A 84 21.62 -8.31 28.79
O MSE A 84 22.60 -7.92 29.44
CB MSE A 84 21.69 -10.81 28.52
CG MSE A 84 21.86 -12.04 27.63
SE MSE A 84 21.44 -13.68 28.59
CE MSE A 84 19.56 -13.80 28.11
N PRO A 85 20.39 -7.77 28.91
CA PRO A 85 20.12 -6.71 29.89
C PRO A 85 20.28 -7.22 31.33
N GLY A 86 21.10 -6.54 32.12
CA GLY A 86 21.37 -6.92 33.50
C GLY A 86 22.79 -7.43 33.69
N TYR A 90 25.93 -4.09 29.42
CA TYR A 90 24.89 -4.00 28.40
C TYR A 90 24.59 -2.56 28.01
N SER A 91 24.41 -2.32 26.72
CA SER A 91 23.93 -1.03 26.22
C SER A 91 23.18 -1.21 24.90
N ALA A 92 22.06 -0.49 24.78
CA ALA A 92 21.22 -0.51 23.58
C ALA A 92 21.97 0.01 22.36
N GLU A 93 22.80 1.05 22.58
CA GLU A 93 23.62 1.65 21.52
C GLU A 93 24.54 0.62 20.85
N THR A 94 25.14 -0.24 21.67
CA THR A 94 26.01 -1.30 21.19
C THR A 94 25.24 -2.32 20.37
N VAL A 95 24.06 -2.70 20.86
CA VAL A 95 23.19 -3.65 20.17
C VAL A 95 22.86 -3.12 18.77
N ARG A 96 22.53 -1.83 18.70
CA ARG A 96 22.12 -1.21 17.44
C ARG A 96 23.23 -1.07 16.41
N GLN A 97 24.49 -1.07 16.85
CA GLN A 97 25.64 -1.12 15.93
C GLN A 97 25.69 -2.41 15.12
N HIS A 98 25.01 -3.46 15.61
CA HIS A 98 24.93 -4.75 14.91
C HIS A 98 23.75 -4.83 13.94
N ILE A 99 22.89 -3.80 13.96
CA ILE A 99 21.64 -3.82 13.23
C ILE A 99 21.57 -2.66 12.22
N GLY A 100 21.15 -2.97 10.99
CA GLY A 100 20.81 -1.96 10.00
C GLY A 100 19.30 -1.92 9.90
N PHE A 101 18.70 -0.80 10.29
CA PHE A 101 17.24 -0.73 10.40
C PHE A 101 16.67 0.27 9.40
N VAL A 102 15.81 -0.23 8.52
CA VAL A 102 15.14 0.58 7.50
C VAL A 102 13.66 0.70 7.84
N SER A 103 13.23 1.89 8.26
CA SER A 103 11.82 2.13 8.56
C SER A 103 11.40 3.49 8.04
N HIS A 104 10.09 3.73 7.97
CA HIS A 104 9.55 4.97 7.43
C HIS A 104 9.96 6.19 8.24
N SER A 105 10.04 6.03 9.56
CA SER A 105 10.45 7.11 10.47
C SER A 105 11.83 7.69 10.11
N LEU A 106 12.73 6.81 9.67
CA LEU A 106 14.12 7.19 9.37
C LEU A 106 14.27 7.86 8.01
N LEU A 107 13.42 7.49 7.05
CA LEU A 107 13.37 8.12 5.72
C LEU A 107 13.12 9.62 5.82
N GLU A 108 12.40 10.01 6.89
CA GLU A 108 11.95 11.39 7.07
C GLU A 108 12.96 12.28 7.82
N LYS A 109 14.00 11.68 8.40
CA LYS A 109 15.00 12.43 9.15
CA LYS A 109 15.02 12.41 9.15
C LYS A 109 15.93 13.21 8.22
N PHE A 110 15.91 12.88 6.93
CA PHE A 110 16.75 13.55 5.94
C PHE A 110 16.01 14.66 5.20
N GLN A 111 16.78 15.67 4.78
CA GLN A 111 16.20 16.82 4.09
CA GLN A 111 16.22 16.83 4.11
C GLN A 111 16.54 16.84 2.60
N GLU A 112 15.61 17.40 1.82
CA GLU A 112 15.71 17.47 0.36
C GLU A 112 17.09 17.77 -0.20
N GLY A 113 17.79 18.73 0.41
CA GLY A 113 19.06 19.24 -0.12
C GLY A 113 20.33 18.47 0.19
N GLU A 114 20.21 17.34 0.86
CA GLU A 114 21.36 16.47 1.16
C GLU A 114 21.67 15.60 -0.05
N ARG A 115 22.95 15.51 -0.44
CA ARG A 115 23.35 14.63 -1.53
C ARG A 115 23.24 13.16 -1.11
N VAL A 116 22.87 12.30 -2.05
CA VAL A 116 22.73 10.86 -1.81
C VAL A 116 24.00 10.25 -1.17
N ILE A 117 25.16 10.55 -1.74
CA ILE A 117 26.42 10.00 -1.24
C ILE A 117 26.65 10.36 0.23
N ASP A 118 26.32 11.60 0.58
CA ASP A 118 26.50 12.06 1.95
C ASP A 118 25.53 11.42 2.92
N VAL A 119 24.31 11.16 2.45
CA VAL A 119 23.29 10.46 3.23
C VAL A 119 23.75 9.03 3.56
N VAL A 120 24.38 8.37 2.58
CA VAL A 120 24.91 7.02 2.81
C VAL A 120 26.12 7.06 3.77
N ILE A 121 27.07 7.94 3.49
CA ILE A 121 28.24 8.16 4.36
C ILE A 121 27.82 8.25 5.84
N SER A 122 26.75 8.99 6.10
CA SER A 122 26.26 9.24 7.47
C SER A 122 25.87 7.98 8.25
N GLY A 123 25.70 6.86 7.53
CA GLY A 123 25.42 5.57 8.14
C GLY A 123 26.59 4.99 8.92
N ALA A 124 27.79 5.53 8.69
CA ALA A 124 29.00 5.11 9.43
C ALA A 124 29.15 5.89 10.74
N ILE A 134 35.61 10.69 8.79
CA ILE A 134 35.29 10.23 7.44
C ILE A 134 36.52 10.35 6.53
N ASP A 135 36.84 9.26 5.82
CA ASP A 135 38.02 9.20 4.96
C ASP A 135 37.73 8.56 3.59
N ASP A 136 38.79 8.43 2.77
CA ASP A 136 38.71 7.84 1.43
C ASP A 136 38.16 6.42 1.38
N GLU A 137 38.25 5.70 2.50
CA GLU A 137 37.80 4.33 2.59
C GLU A 137 36.31 4.25 2.95
N ILE A 138 35.89 5.15 3.83
CA ILE A 138 34.48 5.28 4.22
C ILE A 138 33.64 5.80 3.05
N ARG A 139 34.16 6.78 2.33
CA ARG A 139 33.56 7.28 1.08
C ARG A 139 33.52 6.17 0.01
N ASN A 140 34.61 5.42 -0.11
CA ASN A 140 34.63 4.27 -1.01
C ASN A 140 33.61 3.19 -0.63
N GLU A 141 33.44 2.94 0.67
CA GLU A 141 32.45 1.99 1.17
C GLU A 141 31.03 2.43 0.81
N ALA A 142 30.78 3.74 0.90
CA ALA A 142 29.47 4.29 0.54
C ALA A 142 29.20 4.16 -0.95
N HIS A 143 30.23 4.40 -1.77
CA HIS A 143 30.10 4.26 -3.21
C HIS A 143 29.83 2.83 -3.68
N GLN A 144 30.44 1.86 -3.00
CA GLN A 144 30.28 0.45 -3.39
C GLN A 144 28.88 -0.01 -3.06
N LEU A 145 28.37 0.41 -1.90
CA LEU A 145 27.00 0.09 -1.50
C LEU A 145 25.95 0.75 -2.41
N LEU A 146 26.22 1.96 -2.88
CA LEU A 146 25.31 2.58 -3.83
C LEU A 146 25.23 1.77 -5.11
N LYS A 147 26.37 1.23 -5.56
CA LYS A 147 26.39 0.35 -6.73
C LYS A 147 25.51 -0.88 -6.50
N LEU A 148 25.67 -1.51 -5.34
CA LEU A 148 24.87 -2.69 -4.94
C LEU A 148 23.37 -2.44 -4.86
N VAL A 149 22.95 -1.23 -4.51
CA VAL A 149 21.52 -0.93 -4.49
C VAL A 149 21.01 -0.26 -5.78
N GLY A 150 21.85 -0.23 -6.80
CA GLY A 150 21.49 0.30 -8.11
C GLY A 150 21.36 1.82 -8.17
N MSE A 151 22.08 2.51 -7.30
CA MSE A 151 21.90 3.97 -7.14
C MSE A 151 23.16 4.78 -7.48
O MSE A 151 23.24 5.97 -7.15
CB MSE A 151 21.40 4.29 -5.74
CG MSE A 151 19.96 3.86 -5.44
SE MSE A 151 18.70 4.60 -6.73
CE MSE A 151 18.87 6.45 -6.30
N SER A 152 24.13 4.15 -8.15
CA SER A 152 25.38 4.80 -8.50
C SER A 152 25.20 6.06 -9.38
N ALA A 153 24.31 5.99 -10.35
CA ALA A 153 24.10 7.10 -11.28
C ALA A 153 23.60 8.36 -10.55
N LYS A 154 22.95 8.17 -9.40
CA LYS A 154 22.40 9.29 -8.65
C LYS A 154 23.14 9.61 -7.36
N ALA A 155 24.39 9.16 -7.25
CA ALA A 155 25.20 9.39 -6.05
C ALA A 155 25.40 10.88 -5.70
N GLN A 156 25.49 11.74 -6.72
CA GLN A 156 25.74 13.17 -6.49
C GLN A 156 24.47 14.01 -6.34
N GLN A 157 23.32 13.35 -6.51
CA GLN A 157 22.04 14.06 -6.53
C GLN A 157 21.48 14.36 -5.16
N TYR A 158 20.76 15.48 -5.06
CA TYR A 158 20.01 15.79 -3.86
C TYR A 158 18.90 14.78 -3.65
N ILE A 159 18.80 14.27 -2.43
CA ILE A 159 17.86 13.20 -2.15
C ILE A 159 16.41 13.66 -2.43
N GLY A 160 16.21 14.98 -2.43
CA GLY A 160 14.93 15.60 -2.82
C GLY A 160 14.40 15.22 -4.20
N TYR A 161 15.32 14.95 -5.13
CA TYR A 161 14.99 14.61 -6.53
C TYR A 161 14.59 13.14 -6.76
N LEU A 162 14.69 12.32 -5.71
CA LEU A 162 14.52 10.86 -5.87
C LEU A 162 13.08 10.41 -5.64
N SER A 163 12.72 9.29 -6.26
CA SER A 163 11.42 8.66 -6.03
C SER A 163 11.41 8.01 -4.66
N THR A 164 10.23 7.61 -4.18
CA THR A 164 10.14 6.87 -2.93
C THR A 164 10.97 5.59 -3.02
N GLY A 165 10.84 4.87 -4.14
CA GLY A 165 11.61 3.64 -4.34
C GLY A 165 13.11 3.89 -4.26
N GLU A 166 13.56 4.93 -4.95
CA GLU A 166 14.98 5.32 -4.95
C GLU A 166 15.48 5.70 -3.55
N LYS A 167 14.69 6.47 -2.82
CA LYS A 167 14.99 6.81 -1.43
C LYS A 167 15.13 5.60 -0.51
N GLN A 168 14.29 4.58 -0.71
CA GLN A 168 14.35 3.39 0.10
C GLN A 168 15.62 2.59 -0.18
N ARG A 169 16.06 2.61 -1.43
CA ARG A 169 17.31 1.92 -1.77
C ARG A 169 18.53 2.64 -1.18
N VAL A 170 18.48 3.97 -1.16
CA VAL A 170 19.52 4.77 -0.50
C VAL A 170 19.57 4.47 1.01
N MSE A 171 18.39 4.39 1.63
CA MSE A 171 18.30 4.03 3.06
C MSE A 171 18.89 2.67 3.35
O MSE A 171 19.51 2.45 4.38
CB MSE A 171 16.84 4.05 3.53
CG MSE A 171 16.19 5.42 3.53
SE MSE A 171 17.20 6.74 4.49
CE MSE A 171 17.75 7.89 3.07
N ILE A 172 18.69 1.73 2.42
CA ILE A 172 19.28 0.41 2.57
C ILE A 172 20.80 0.47 2.54
N ALA A 173 21.37 1.22 1.58
CA ALA A 173 22.83 1.39 1.52
C ALA A 173 23.36 2.05 2.80
N ARG A 174 22.66 3.08 3.24
CA ARG A 174 23.00 3.76 4.49
C ARG A 174 23.03 2.78 5.67
N ALA A 175 22.02 1.91 5.75
CA ALA A 175 21.90 0.93 6.83
C ALA A 175 23.05 -0.09 6.83
N LEU A 176 23.57 -0.39 5.65
CA LEU A 176 24.65 -1.38 5.53
C LEU A 176 26.04 -0.83 5.81
N MSE A 177 26.14 0.50 5.92
N MSE A 177 26.14 0.47 6.06
CA MSE A 177 27.40 1.18 6.13
CA MSE A 177 27.38 1.06 6.57
C MSE A 177 28.01 0.87 7.49
C MSE A 177 27.75 0.44 7.92
O MSE A 177 29.23 0.77 7.61
O MSE A 177 26.88 0.11 8.72
CB MSE A 177 27.24 2.70 5.97
CB MSE A 177 27.24 2.56 6.73
CG MSE A 177 27.40 3.17 4.55
CG MSE A 177 26.92 3.30 5.44
SE MSE A 177 29.28 3.22 3.98
SE MSE A 177 28.36 3.20 4.15
CE MSE A 177 29.84 4.85 4.87
CE MSE A 177 29.59 4.49 4.95
N GLY A 178 27.16 0.72 8.50
N GLY A 178 29.05 0.28 8.16
CA GLY A 178 27.61 0.42 9.85
CA GLY A 178 29.55 -0.25 9.43
C GLY A 178 27.99 -1.04 10.03
C GLY A 178 29.32 -1.74 9.58
N GLN A 179 28.25 -1.72 8.90
N GLN A 179 29.02 -2.38 8.44
CA GLN A 179 28.70 -3.13 8.85
CA GLN A 179 28.72 -3.80 8.44
C GLN A 179 27.86 -4.09 9.72
C GLN A 179 27.85 -4.21 9.66
N PRO A 180 26.52 -4.03 9.57
CA PRO A 180 25.67 -4.72 10.55
C PRO A 180 25.61 -6.22 10.28
N GLN A 181 25.19 -6.98 11.29
CA GLN A 181 25.02 -8.44 11.14
C GLN A 181 23.59 -8.81 10.74
N VAL A 182 22.64 -7.92 11.02
CA VAL A 182 21.23 -8.11 10.65
CA VAL A 182 21.24 -8.11 10.64
C VAL A 182 20.69 -6.84 9.99
N LEU A 183 19.99 -7.02 8.86
CA LEU A 183 19.34 -5.91 8.18
C LEU A 183 17.83 -6.07 8.39
N ILE A 184 17.21 -5.08 9.04
CA ILE A 184 15.78 -5.16 9.35
C ILE A 184 15.03 -4.15 8.52
N LEU A 185 14.10 -4.64 7.72
CA LEU A 185 13.34 -3.79 6.80
C LEU A 185 11.87 -3.76 7.24
N ASP A 186 11.42 -2.61 7.73
CA ASP A 186 10.06 -2.50 8.27
C ASP A 186 9.12 -2.00 7.19
N GLU A 187 8.38 -2.93 6.58
CA GLU A 187 7.47 -2.63 5.44
C GLU A 187 8.09 -1.72 4.37
N PRO A 188 9.22 -2.16 3.80
CA PRO A 188 10.02 -1.28 2.96
C PRO A 188 9.37 -0.95 1.61
N ALA A 189 8.39 -1.75 1.21
CA ALA A 189 7.72 -1.57 -0.09
C ALA A 189 6.42 -0.80 0.03
N ALA A 190 6.16 -0.21 1.21
CA ALA A 190 4.96 0.60 1.38
C ALA A 190 4.91 1.80 0.42
N GLY A 191 3.79 1.93 -0.27
CA GLY A 191 3.62 3.03 -1.20
C GLY A 191 4.23 2.82 -2.58
N LEU A 192 5.06 1.78 -2.74
CA LEU A 192 5.70 1.49 -4.03
C LEU A 192 4.80 0.78 -5.04
N ASP A 193 4.87 1.19 -6.32
CA ASP A 193 4.16 0.48 -7.38
C ASP A 193 4.89 -0.82 -7.73
N PHE A 194 4.38 -1.57 -8.70
CA PHE A 194 4.94 -2.89 -9.05
C PHE A 194 6.42 -2.82 -9.44
N ILE A 195 6.78 -1.86 -10.29
CA ILE A 195 8.16 -1.78 -10.80
C ILE A 195 9.12 -1.41 -9.68
N ALA A 196 8.73 -0.44 -8.86
CA ALA A 196 9.56 0.02 -7.75
C ALA A 196 9.75 -1.07 -6.69
N ARG A 197 8.66 -1.77 -6.38
CA ARG A 197 8.71 -2.90 -5.46
C ARG A 197 9.67 -4.00 -5.92
N GLU A 198 9.58 -4.37 -7.18
CA GLU A 198 10.42 -5.46 -7.70
C GLU A 198 11.90 -5.05 -7.77
N SER A 199 12.14 -3.77 -8.05
CA SER A 199 13.49 -3.19 -8.02
CA SER A 199 13.49 -3.21 -8.01
C SER A 199 14.11 -3.37 -6.63
N LEU A 200 13.35 -2.98 -5.60
CA LEU A 200 13.81 -3.11 -4.23
C LEU A 200 14.07 -4.58 -3.89
N LEU A 201 13.12 -5.44 -4.28
CA LEU A 201 13.23 -6.87 -3.97
C LEU A 201 14.42 -7.51 -4.67
N SER A 202 14.66 -7.13 -5.92
CA SER A 202 15.83 -7.61 -6.63
C SER A 202 17.14 -7.20 -5.96
N ILE A 203 17.18 -5.96 -5.45
CA ILE A 203 18.34 -5.48 -4.71
C ILE A 203 18.63 -6.34 -3.47
N LEU A 204 17.58 -6.74 -2.74
CA LEU A 204 17.77 -7.63 -1.58
C LEU A 204 18.38 -8.96 -1.96
N ASP A 205 17.97 -9.49 -3.11
CA ASP A 205 18.52 -10.73 -3.64
C ASP A 205 20.01 -10.54 -3.95
N SER A 206 20.36 -9.39 -4.53
CA SER A 206 21.75 -9.04 -4.84
CA SER A 206 21.75 -9.06 -4.85
C SER A 206 22.62 -8.93 -3.58
N LEU A 207 22.09 -8.25 -2.57
CA LEU A 207 22.81 -8.03 -1.32
C LEU A 207 23.11 -9.35 -0.63
N SER A 208 22.16 -10.28 -0.71
CA SER A 208 22.31 -11.61 -0.14
C SER A 208 23.42 -12.42 -0.83
N ASP A 209 23.60 -12.18 -2.13
CA ASP A 209 24.70 -12.78 -2.89
C ASP A 209 26.05 -12.24 -2.45
N SER A 210 26.12 -10.92 -2.28
CA SER A 210 27.36 -10.24 -1.89
C SER A 210 27.71 -10.51 -0.43
N TYR A 211 26.67 -10.69 0.40
CA TYR A 211 26.86 -10.89 1.84
C TYR A 211 26.04 -12.11 2.34
N PRO A 212 26.56 -13.34 2.09
CA PRO A 212 25.89 -14.59 2.45
C PRO A 212 25.57 -14.74 3.94
N THR A 213 26.43 -14.19 4.80
CA THR A 213 26.25 -14.33 6.24
C THR A 213 25.33 -13.28 6.84
N LEU A 214 24.94 -12.27 6.06
CA LEU A 214 24.04 -11.21 6.52
C LEU A 214 22.66 -11.79 6.73
N ALA A 215 22.09 -11.59 7.91
CA ALA A 215 20.71 -11.99 8.17
C ALA A 215 19.79 -10.84 7.84
N MSE A 216 18.58 -11.16 7.41
CA MSE A 216 17.59 -10.16 7.05
C MSE A 216 16.25 -10.52 7.68
O MSE A 216 15.88 -11.68 7.77
CB MSE A 216 17.43 -10.06 5.53
CG MSE A 216 18.73 -9.69 4.83
SE MSE A 216 18.32 -9.33 2.97
CE MSE A 216 20.10 -9.02 2.33
N ILE A 217 15.55 -9.49 8.16
CA ILE A 217 14.17 -9.61 8.61
C ILE A 217 13.34 -8.64 7.78
N TYR A 218 12.37 -9.19 7.06
CA TYR A 218 11.57 -8.41 6.15
C TYR A 218 10.16 -8.44 6.71
N VAL A 219 9.68 -7.27 7.14
CA VAL A 219 8.38 -7.14 7.80
C VAL A 219 7.35 -6.68 6.77
N THR A 220 6.24 -7.43 6.64
CA THR A 220 5.25 -7.15 5.58
C THR A 220 3.86 -7.70 5.90
N HIS A 221 2.85 -7.09 5.26
N HIS A 221 2.83 -7.12 5.30
CA HIS A 221 1.44 -7.56 5.28
CA HIS A 221 1.52 -7.75 5.35
C HIS A 221 1.07 -8.33 4.01
C HIS A 221 1.02 -8.13 3.95
N PHE A 222 1.96 -8.32 3.02
CA PHE A 222 1.64 -8.90 1.71
C PHE A 222 2.60 -10.01 1.31
N ILE A 223 2.06 -11.22 1.18
CA ILE A 223 2.92 -12.36 0.82
C ILE A 223 3.44 -12.30 -0.63
N GLU A 224 2.80 -11.45 -1.45
CA GLU A 224 3.29 -11.15 -2.80
C GLU A 224 4.69 -10.53 -2.80
N GLU A 225 5.12 -10.00 -1.64
CA GLU A 225 6.45 -9.41 -1.50
C GLU A 225 7.53 -10.41 -1.13
N ILE A 226 7.15 -11.66 -0.86
CA ILE A 226 8.09 -12.68 -0.36
C ILE A 226 8.83 -13.36 -1.49
N THR A 227 10.13 -13.11 -1.60
CA THR A 227 10.92 -13.70 -2.67
C THR A 227 11.54 -15.01 -2.19
N ALA A 228 11.97 -15.84 -3.15
CA ALA A 228 12.57 -17.15 -2.87
C ALA A 228 13.76 -17.08 -1.90
N ASN A 229 14.48 -15.97 -1.92
CA ASN A 229 15.58 -15.65 -1.00
C ASN A 229 15.13 -15.70 0.47
N PHE A 230 13.91 -15.24 0.74
CA PHE A 230 13.38 -15.27 2.10
C PHE A 230 12.69 -16.62 2.36
N SER A 231 13.36 -17.48 3.12
CA SER A 231 12.95 -18.87 3.23
C SER A 231 12.28 -19.21 4.56
N LYS A 232 12.33 -18.27 5.50
CA LYS A 232 11.79 -18.51 6.84
C LYS A 232 10.72 -17.47 7.17
N ILE A 233 9.72 -17.88 7.95
CA ILE A 233 8.63 -16.98 8.26
C ILE A 233 8.14 -17.18 9.69
N LEU A 234 7.78 -16.07 10.33
CA LEU A 234 7.11 -16.08 11.62
C LEU A 234 5.76 -15.40 11.46
N LEU A 235 4.69 -16.15 11.73
CA LEU A 235 3.33 -15.62 11.66
C LEU A 235 2.91 -15.09 13.03
N LEU A 236 2.61 -13.79 13.09
CA LEU A 236 2.27 -13.12 14.33
C LEU A 236 0.81 -12.69 14.34
N LYS A 237 0.11 -13.06 15.41
CA LYS A 237 -1.30 -12.75 15.58
C LYS A 237 -1.54 -12.42 17.04
N ASP A 238 -2.16 -11.26 17.28
CA ASP A 238 -2.47 -10.80 18.63
C ASP A 238 -1.30 -10.96 19.61
N GLY A 239 -0.11 -10.57 19.15
CA GLY A 239 1.10 -10.63 19.98
C GLY A 239 1.70 -12.00 20.22
N GLN A 240 1.25 -13.00 19.46
CA GLN A 240 1.70 -14.39 19.62
C GLN A 240 2.21 -14.98 18.31
N SER A 241 3.26 -15.77 18.41
CA SER A 241 3.79 -16.52 17.28
C SER A 241 2.92 -17.77 17.08
N ILE A 242 2.24 -17.81 15.94
CA ILE A 242 1.29 -18.89 15.61
C ILE A 242 2.01 -20.06 14.97
N GLN A 243 2.80 -19.77 13.93
CA GLN A 243 3.69 -20.74 13.30
C GLN A 243 5.01 -20.05 12.95
N GLN A 244 6.08 -20.84 12.96
CA GLN A 244 7.36 -20.40 12.39
C GLN A 244 8.11 -21.57 11.81
N GLY A 245 8.75 -21.32 10.67
CA GLY A 245 9.51 -22.35 9.95
C GLY A 245 9.67 -21.92 8.52
N ALA A 246 9.70 -22.89 7.61
CA ALA A 246 9.97 -22.64 6.22
C ALA A 246 8.74 -22.07 5.52
N VAL A 247 8.96 -21.01 4.74
CA VAL A 247 7.90 -20.36 4.00
C VAL A 247 7.11 -21.40 3.18
N GLU A 248 7.83 -22.33 2.56
CA GLU A 248 7.17 -23.28 1.66
C GLU A 248 6.23 -24.22 2.40
N ASP A 249 6.51 -24.45 3.69
CA ASP A 249 5.69 -25.35 4.52
C ASP A 249 4.52 -24.60 5.14
N ILE A 250 4.75 -23.36 5.53
CA ILE A 250 3.78 -22.59 6.32
C ILE A 250 2.74 -21.86 5.45
N LEU A 251 3.20 -21.18 4.40
CA LEU A 251 2.28 -20.47 3.49
C LEU A 251 1.43 -21.37 2.61
N THR A 252 0.38 -21.93 3.20
CA THR A 252 -0.58 -22.76 2.49
C THR A 252 -2.01 -22.27 2.74
N SER A 253 -2.92 -22.58 1.82
CA SER A 253 -4.33 -22.23 1.98
C SER A 253 -4.86 -22.67 3.35
N GLU A 254 -4.54 -23.90 3.75
CA GLU A 254 -4.98 -24.48 5.01
C GLU A 254 -4.46 -23.69 6.21
N ASN A 255 -3.15 -23.44 6.23
CA ASN A 255 -2.52 -22.75 7.37
C ASN A 255 -2.92 -21.29 7.47
N MSE A 256 -3.05 -20.62 6.33
CA MSE A 256 -3.42 -19.20 6.35
C MSE A 256 -4.91 -19.01 6.66
O MSE A 256 -5.32 -17.99 7.26
CB MSE A 256 -3.03 -18.53 5.03
CG MSE A 256 -1.50 -18.56 4.78
SE MSE A 256 -0.51 -17.80 6.26
CE MSE A 256 -0.80 -15.91 5.97
N SER A 257 -5.71 -20.00 6.27
CA SER A 257 -7.11 -20.00 6.64
C SER A 257 -7.27 -20.10 8.16
N ARG A 258 -6.51 -20.99 8.80
CA ARG A 258 -6.48 -21.07 10.27
C ARG A 258 -6.01 -19.78 10.91
N PHE A 259 -4.95 -19.20 10.36
CA PHE A 259 -4.33 -17.97 10.83
C PHE A 259 -5.34 -16.83 10.87
N PHE A 260 -6.06 -16.64 9.76
CA PHE A 260 -7.06 -15.56 9.63
C PHE A 260 -8.45 -15.91 10.16
N GLN A 261 -8.72 -17.20 10.34
CA GLN A 261 -10.07 -17.70 10.58
C GLN A 261 -11.04 -17.25 9.50
N LYS A 262 -10.55 -17.30 8.27
CA LYS A 262 -11.31 -16.95 7.08
C LYS A 262 -10.77 -17.81 5.95
N ASN A 263 -11.65 -18.27 5.07
CA ASN A 263 -11.23 -19.13 3.95
C ASN A 263 -10.42 -18.38 2.90
N VAL A 264 -9.14 -18.72 2.82
CA VAL A 264 -8.25 -18.13 1.82
C VAL A 264 -7.59 -19.21 0.99
N ALA A 265 -7.16 -18.84 -0.21
CA ALA A 265 -6.41 -19.74 -1.07
C ALA A 265 -5.03 -19.15 -1.34
N VAL A 266 -4.01 -19.98 -1.17
CA VAL A 266 -2.63 -19.58 -1.42
C VAL A 266 -2.04 -20.44 -2.54
N GLN A 267 -1.36 -19.79 -3.49
CA GLN A 267 -0.61 -20.52 -4.51
C GLN A 267 0.81 -20.01 -4.62
N ARG A 268 1.76 -20.91 -4.84
CA ARG A 268 3.09 -20.53 -5.27
C ARG A 268 3.15 -20.74 -6.78
N TRP A 269 3.42 -19.67 -7.50
CA TRP A 269 3.44 -19.66 -8.95
C TRP A 269 4.57 -18.74 -9.38
N ASN A 270 5.43 -19.22 -10.28
CA ASN A 270 6.62 -18.49 -10.71
C ASN A 270 7.49 -17.99 -9.54
N ASN A 271 7.65 -18.85 -8.54
CA ASN A 271 8.50 -18.63 -7.35
C ASN A 271 8.08 -17.45 -6.48
N ARG A 272 6.81 -17.07 -6.61
CA ARG A 272 6.23 -16.03 -5.78
C ARG A 272 4.89 -16.54 -5.27
N PHE A 273 4.37 -15.87 -4.26
CA PHE A 273 3.12 -16.30 -3.65
C PHE A 273 1.99 -15.35 -3.99
N SER A 274 0.80 -15.91 -4.21
CA SER A 274 -0.42 -15.14 -4.27
C SER A 274 -1.42 -15.67 -3.24
N MSE A 275 -2.35 -14.83 -2.81
CA MSE A 275 -3.35 -15.22 -1.81
C MSE A 275 -4.71 -14.61 -2.07
O MSE A 275 -4.87 -13.38 -2.07
CB MSE A 275 -2.86 -14.91 -0.39
CG MSE A 275 -3.80 -15.37 0.71
SE MSE A 275 -2.95 -15.54 2.44
CE MSE A 275 -2.42 -13.69 2.79
N ALA A 276 -5.69 -15.47 -2.31
CA ALA A 276 -7.04 -15.07 -2.61
C ALA A 276 -7.96 -15.34 -1.43
N MSE A 277 -8.68 -14.30 -1.00
CA MSE A 277 -9.84 -14.48 -0.17
C MSE A 277 -10.91 -15.21 -0.99
O MSE A 277 -11.15 -14.86 -2.15
CB MSE A 277 -10.37 -13.11 0.24
CG MSE A 277 -11.62 -13.16 1.08
SE MSE A 277 -11.25 -13.90 2.82
CE MSE A 277 -12.49 -12.76 3.79
N LEU A 278 -11.54 -16.22 -0.38
CA LEU A 278 -12.56 -17.01 -1.08
C LEU A 278 -13.98 -16.54 -0.79
N SER B 18 -29.69 9.71 -19.96
CA SER B 18 -28.73 8.92 -20.78
C SER B 18 -28.01 7.85 -19.97
N HIS B 19 -27.78 6.69 -20.59
CA HIS B 19 -26.92 5.62 -20.05
C HIS B 19 -25.44 6.04 -20.08
N MSE B 20 -25.10 6.99 -20.94
CA MSE B 20 -23.72 7.49 -21.07
C MSE B 20 -23.43 8.53 -20.00
O MSE B 20 -24.11 9.55 -19.93
CB MSE B 20 -23.52 8.09 -22.47
CG MSE B 20 -22.09 8.03 -22.99
SE MSE B 20 -21.14 6.33 -22.75
CE MSE B 20 -22.57 5.18 -23.37
N LEU B 21 -22.45 8.26 -19.15
CA LEU B 21 -22.17 9.13 -18.01
C LEU B 21 -21.06 10.15 -18.28
N ILE B 22 -19.91 9.65 -18.73
CA ILE B 22 -18.74 10.47 -19.01
C ILE B 22 -18.23 10.10 -20.40
N GLN B 23 -17.94 11.12 -21.21
CA GLN B 23 -17.32 10.93 -22.51
C GLN B 23 -16.17 11.91 -22.68
N LEU B 24 -14.96 11.36 -22.74
CA LEU B 24 -13.77 12.14 -23.04
C LEU B 24 -13.37 11.74 -24.43
N ASP B 25 -13.23 12.73 -25.32
CA ASP B 25 -12.79 12.47 -26.68
C ASP B 25 -11.42 13.11 -26.93
N GLN B 26 -10.40 12.27 -26.98
CA GLN B 26 -9.02 12.70 -27.27
C GLN B 26 -8.58 13.88 -26.45
N ILE B 27 -8.77 13.82 -25.13
CA ILE B 27 -8.45 14.97 -24.28
CA ILE B 27 -8.45 14.96 -24.27
C ILE B 27 -6.95 15.07 -23.97
N GLY B 28 -6.49 16.29 -23.80
CA GLY B 28 -5.13 16.54 -23.39
C GLY B 28 -5.15 17.45 -22.19
N ARG B 29 -4.06 17.41 -21.43
CA ARG B 29 -3.85 18.35 -20.36
C ARG B 29 -2.40 18.80 -20.38
N MSE B 30 -2.20 20.10 -20.54
CA MSE B 30 -0.87 20.70 -20.50
C MSE B 30 -0.78 21.69 -19.36
O MSE B 30 -1.77 22.32 -18.98
CB MSE B 30 -0.53 21.37 -21.82
CG MSE B 30 -0.50 20.40 -23.00
SE MSE B 30 0.13 21.24 -24.61
CE MSE B 30 2.03 21.36 -24.17
N LYS B 31 0.42 21.84 -18.81
CA LYS B 31 0.67 22.76 -17.71
C LYS B 31 2.05 23.35 -17.89
N GLN B 32 2.10 24.68 -17.90
CA GLN B 32 3.36 25.42 -18.04
C GLN B 32 4.24 24.89 -19.17
N GLY B 33 3.63 24.61 -20.31
CA GLY B 33 4.36 24.19 -21.51
C GLY B 33 4.66 22.70 -21.60
N LYS B 34 4.24 21.94 -20.59
CA LYS B 34 4.50 20.50 -20.55
C LYS B 34 3.24 19.68 -20.70
N THR B 35 3.36 18.58 -21.42
CA THR B 35 2.24 17.66 -21.65
C THR B 35 2.10 16.70 -20.47
N ILE B 36 0.94 16.78 -19.81
CA ILE B 36 0.65 15.95 -18.65
C ILE B 36 -0.19 14.74 -19.05
N LEU B 37 -1.22 14.99 -19.85
CA LEU B 37 -2.10 13.95 -20.41
C LEU B 37 -2.19 14.12 -21.91
N LYS B 38 -2.26 13.01 -22.64
CA LYS B 38 -2.22 13.04 -24.09
C LYS B 38 -3.17 12.04 -24.72
N LYS B 39 -4.07 12.55 -25.55
CA LYS B 39 -4.96 11.75 -26.41
C LYS B 39 -5.77 10.70 -25.65
N ILE B 40 -6.40 11.08 -24.54
CA ILE B 40 -7.23 10.15 -23.78
CA ILE B 40 -7.22 10.14 -23.79
C ILE B 40 -8.66 10.18 -24.27
N SER B 41 -9.15 9.03 -24.75
CA SER B 41 -10.55 8.86 -25.07
C SER B 41 -11.10 7.84 -24.09
N TRP B 42 -12.22 8.14 -23.45
CA TRP B 42 -12.74 7.29 -22.41
C TRP B 42 -14.24 7.48 -22.30
N GLN B 43 -14.98 6.38 -22.36
CA GLN B 43 -16.43 6.41 -22.24
C GLN B 43 -16.86 5.59 -21.03
N ILE B 44 -17.57 6.24 -20.11
CA ILE B 44 -18.07 5.54 -18.93
C ILE B 44 -19.59 5.52 -18.96
N ALA B 45 -20.17 4.33 -18.93
CA ALA B 45 -21.62 4.16 -18.97
C ALA B 45 -22.16 3.65 -17.65
N LYS B 46 -23.47 3.77 -17.43
CA LYS B 46 -24.10 3.24 -16.23
C LYS B 46 -23.75 1.77 -16.12
N GLY B 47 -23.42 1.32 -14.91
CA GLY B 47 -23.12 -0.09 -14.67
C GLY B 47 -21.69 -0.51 -14.95
N ASP B 48 -20.90 0.35 -15.61
CA ASP B 48 -19.49 0.05 -15.90
C ASP B 48 -18.69 -0.05 -14.61
N LYS B 49 -17.85 -1.06 -14.50
CA LYS B 49 -16.92 -1.11 -13.37
C LYS B 49 -15.50 -1.14 -13.93
N TRP B 50 -14.83 0.00 -13.80
CA TRP B 50 -13.53 0.26 -14.42
C TRP B 50 -12.39 0.22 -13.43
N ILE B 51 -11.32 -0.44 -13.84
CA ILE B 51 -10.00 -0.24 -13.21
C ILE B 51 -9.22 0.83 -13.98
N LEU B 52 -8.70 1.82 -13.26
CA LEU B 52 -7.71 2.75 -13.80
C LEU B 52 -6.35 2.38 -13.22
N TYR B 53 -5.49 1.83 -14.07
CA TYR B 53 -4.25 1.21 -13.65
C TYR B 53 -3.03 1.89 -14.23
N GLY B 54 -2.03 2.12 -13.39
CA GLY B 54 -0.74 2.68 -13.84
C GLY B 54 0.22 2.81 -12.69
N LEU B 55 1.51 2.89 -13.02
CA LEU B 55 2.58 3.14 -12.06
C LEU B 55 2.38 4.46 -11.33
N ASN B 56 3.05 4.64 -10.20
CA ASN B 56 3.12 5.98 -9.61
C ASN B 56 3.67 6.97 -10.64
N GLY B 57 3.03 8.13 -10.74
CA GLY B 57 3.43 9.15 -11.71
C GLY B 57 2.86 9.02 -13.12
N ALA B 58 1.92 8.10 -13.33
CA ALA B 58 1.35 7.82 -14.65
C ALA B 58 0.36 8.88 -15.12
N GLY B 59 -0.11 9.72 -14.18
CA GLY B 59 -1.07 10.77 -14.52
C GLY B 59 -2.47 10.46 -14.05
N LYS B 60 -2.61 9.42 -13.22
CA LYS B 60 -3.93 8.95 -12.77
C LYS B 60 -4.69 10.02 -11.99
N THR B 61 -4.00 10.66 -11.05
CA THR B 61 -4.60 11.76 -10.29
C THR B 61 -5.05 12.95 -11.17
N THR B 62 -4.22 13.34 -12.14
CA THR B 62 -4.59 14.42 -13.06
C THR B 62 -5.86 14.04 -13.83
N LEU B 63 -5.95 12.78 -14.24
CA LEU B 63 -7.13 12.31 -14.96
C LEU B 63 -8.36 12.33 -14.07
N LEU B 64 -8.21 11.95 -12.80
CA LEU B 64 -9.32 12.07 -11.86
C LEU B 64 -9.77 13.51 -11.68
N ASN B 65 -8.80 14.43 -11.67
CA ASN B 65 -9.06 15.86 -11.57
C ASN B 65 -9.91 16.38 -12.73
N ILE B 66 -9.73 15.81 -13.92
CA ILE B 66 -10.57 16.18 -15.06
CA ILE B 66 -10.55 16.13 -15.10
C ILE B 66 -12.00 15.65 -14.89
N LEU B 67 -12.14 14.39 -14.52
CA LEU B 67 -13.44 13.76 -14.26
C LEU B 67 -14.20 14.48 -13.16
N ASN B 68 -13.48 14.94 -12.13
CA ASN B 68 -14.10 15.65 -11.00
C ASN B 68 -14.23 17.15 -11.19
N ALA B 69 -13.89 17.62 -12.39
CA ALA B 69 -13.93 19.05 -12.75
C ALA B 69 -13.10 19.95 -11.83
N TYR B 70 -12.02 19.40 -11.25
CA TYR B 70 -11.05 20.22 -10.50
C TYR B 70 -10.06 20.92 -11.43
N GLU B 71 -9.68 20.23 -12.51
CA GLU B 71 -8.79 20.78 -13.51
C GLU B 71 -9.46 20.61 -14.87
N PRO B 72 -9.34 21.63 -15.75
CA PRO B 72 -9.94 21.48 -17.07
C PRO B 72 -8.98 20.81 -18.06
N ALA B 73 -9.55 20.14 -19.07
CA ALA B 73 -8.76 19.66 -20.20
C ALA B 73 -8.29 20.85 -21.04
N THR B 74 -7.11 20.72 -21.65
CA THR B 74 -6.58 21.79 -22.47
C THR B 74 -6.85 21.58 -23.96
N SER B 75 -7.27 20.36 -24.31
CA SER B 75 -7.66 20.02 -25.67
C SER B 75 -8.61 18.81 -25.63
N GLY B 76 -9.22 18.51 -26.77
CA GLY B 76 -10.21 17.44 -26.87
C GLY B 76 -11.54 17.93 -26.34
N THR B 77 -12.50 17.02 -26.19
CA THR B 77 -13.80 17.41 -25.67
C THR B 77 -14.20 16.61 -24.44
N VAL B 78 -14.88 17.28 -23.52
CA VAL B 78 -15.26 16.71 -22.25
C VAL B 78 -16.78 16.80 -22.13
N ASN B 79 -17.41 15.65 -21.89
CA ASN B 79 -18.82 15.59 -21.60
C ASN B 79 -19.00 14.87 -20.28
N LEU B 80 -19.38 15.62 -19.26
CA LEU B 80 -19.57 15.08 -17.93
C LEU B 80 -21.04 15.17 -17.56
N PHE B 81 -21.70 14.01 -17.59
CA PHE B 81 -23.13 13.89 -17.28
C PHE B 81 -24.02 14.84 -18.11
N GLY B 82 -23.73 14.87 -19.42
CA GLY B 82 -24.51 15.66 -20.38
C GLY B 82 -24.17 17.14 -20.41
N LYS B 83 -23.17 17.54 -19.64
CA LYS B 83 -22.76 18.94 -19.54
C LYS B 83 -21.35 19.11 -20.07
N MSE B 84 -21.17 20.10 -20.93
CA MSE B 84 -19.86 20.41 -21.52
C MSE B 84 -19.41 21.82 -21.14
O MSE B 84 -20.25 22.73 -21.10
CB MSE B 84 -19.93 20.27 -23.05
CG MSE B 84 -20.24 18.88 -23.56
SE MSE B 84 -20.32 18.88 -25.49
CE MSE B 84 -20.15 16.97 -25.82
N PRO B 85 -18.11 22.00 -20.88
CA PRO B 85 -17.63 23.36 -20.65
C PRO B 85 -17.54 24.15 -21.96
N GLY B 86 -18.05 25.38 -22.00
CA GLY B 86 -18.81 25.98 -20.92
C GLY B 86 -20.18 26.37 -21.43
N LYS B 87 -20.93 25.34 -21.86
CA LYS B 87 -22.29 25.50 -22.36
C LYS B 87 -23.27 25.72 -21.21
N VAL B 88 -24.53 25.98 -21.56
CA VAL B 88 -25.58 26.24 -20.58
C VAL B 88 -25.74 25.04 -19.63
N GLY B 89 -25.82 25.34 -18.34
CA GLY B 89 -26.02 24.33 -17.32
C GLY B 89 -24.73 23.69 -16.83
N TYR B 90 -23.61 24.05 -17.43
CA TYR B 90 -22.33 23.52 -16.96
C TYR B 90 -21.83 24.26 -15.73
N SER B 91 -21.41 23.47 -14.74
CA SER B 91 -20.89 23.98 -13.48
C SER B 91 -20.13 22.83 -12.85
N ALA B 92 -18.91 23.11 -12.38
CA ALA B 92 -18.07 22.07 -11.75
C ALA B 92 -18.80 21.45 -10.57
N GLU B 93 -19.51 22.29 -9.81
CA GLU B 93 -20.32 21.87 -8.68
C GLU B 93 -21.42 20.88 -9.09
N THR B 94 -22.06 21.14 -10.23
CA THR B 94 -23.11 20.27 -10.73
C THR B 94 -22.57 18.92 -11.19
N VAL B 95 -21.40 18.92 -11.82
CA VAL B 95 -20.72 17.67 -12.21
C VAL B 95 -20.50 16.78 -10.97
N ARG B 96 -19.96 17.37 -9.92
CA ARG B 96 -19.62 16.64 -8.71
C ARG B 96 -20.81 16.06 -7.95
N GLN B 97 -22.00 16.63 -8.14
CA GLN B 97 -23.23 16.06 -7.55
C GLN B 97 -23.50 14.63 -8.03
N HIS B 98 -22.98 14.30 -9.22
CA HIS B 98 -23.17 12.97 -9.81
C HIS B 98 -22.10 11.98 -9.38
N ILE B 99 -21.10 12.45 -8.63
CA ILE B 99 -19.92 11.66 -8.29
C ILE B 99 -19.78 11.44 -6.78
N GLY B 100 -19.55 10.19 -6.38
CA GLY B 100 -19.07 9.88 -5.03
C GLY B 100 -17.57 9.64 -5.14
N PHE B 101 -16.77 10.44 -4.43
CA PHE B 101 -15.31 10.37 -4.56
C PHE B 101 -14.68 10.00 -3.24
N VAL B 102 -13.90 8.93 -3.24
CA VAL B 102 -13.21 8.44 -2.05
C VAL B 102 -11.72 8.59 -2.28
N SER B 103 -11.08 9.44 -1.48
CA SER B 103 -9.68 9.77 -1.65
C SER B 103 -9.08 10.10 -0.30
N HIS B 104 -7.76 9.93 -0.18
CA HIS B 104 -7.05 10.12 1.08
C HIS B 104 -7.20 11.53 1.64
N SER B 105 -7.14 12.53 0.77
CA SER B 105 -7.25 13.94 1.17
C SER B 105 -8.61 14.22 1.84
N LEU B 106 -9.66 13.55 1.35
CA LEU B 106 -11.01 13.75 1.86
C LEU B 106 -11.18 13.24 3.29
N LEU B 107 -10.63 12.06 3.56
CA LEU B 107 -10.81 11.40 4.86
C LEU B 107 -10.37 12.24 6.05
N GLU B 108 -9.17 12.82 5.97
CA GLU B 108 -8.62 13.50 7.12
C GLU B 108 -9.01 14.98 7.21
N LYS B 109 -10.01 15.38 6.44
CA LYS B 109 -10.66 16.66 6.70
C LYS B 109 -11.66 16.48 7.84
N PHE B 110 -11.95 15.22 8.16
CA PHE B 110 -12.83 14.89 9.27
C PHE B 110 -12.06 14.77 10.58
N GLN B 111 -12.70 15.24 11.64
CA GLN B 111 -12.05 15.28 12.93
C GLN B 111 -12.47 14.11 13.82
N GLU B 112 -11.56 13.72 14.71
CA GLU B 112 -11.68 12.51 15.54
C GLU B 112 -12.99 12.45 16.34
N GLY B 113 -13.46 13.61 16.79
CA GLY B 113 -14.65 13.72 17.63
C GLY B 113 -15.99 13.76 16.90
N GLU B 114 -15.97 13.60 15.58
CA GLU B 114 -17.21 13.51 14.81
C GLU B 114 -17.75 12.08 14.85
N ARG B 115 -19.06 11.95 15.09
CA ARG B 115 -19.75 10.66 15.09
C ARG B 115 -19.83 10.08 13.68
N VAL B 116 -19.75 8.76 13.57
CA VAL B 116 -19.77 8.08 12.26
C VAL B 116 -21.06 8.41 11.49
N ILE B 117 -22.21 8.34 12.18
CA ILE B 117 -23.51 8.60 11.55
C ILE B 117 -23.58 10.03 10.98
N ASP B 118 -23.01 10.97 11.71
CA ASP B 118 -23.02 12.38 11.32
C ASP B 118 -22.12 12.60 10.12
N VAL B 119 -20.99 11.89 10.10
CA VAL B 119 -20.06 11.97 8.99
C VAL B 119 -20.71 11.48 7.68
N VAL B 120 -21.48 10.39 7.75
CA VAL B 120 -22.16 9.85 6.57
C VAL B 120 -23.28 10.81 6.12
N ILE B 121 -24.04 11.34 7.10
CA ILE B 121 -25.12 12.30 6.84
C ILE B 121 -24.66 13.51 6.03
N SER B 122 -23.43 13.97 6.29
CA SER B 122 -22.85 15.13 5.59
C SER B 122 -22.60 14.91 4.09
N GLY B 123 -22.67 13.66 3.65
CA GLY B 123 -22.58 13.33 2.24
C GLY B 123 -23.77 13.85 1.44
N ALA B 124 -24.90 14.04 2.12
CA ALA B 124 -26.11 14.53 1.48
C ALA B 124 -25.99 15.99 1.05
N PHE B 125 -25.28 16.77 1.86
CA PHE B 125 -25.25 18.24 1.71
C PHE B 125 -24.72 18.73 0.37
N LYS B 126 -23.97 17.85 -0.30
CA LYS B 126 -23.48 18.10 -1.67
C LYS B 126 -24.63 18.27 -2.67
N SER B 127 -25.68 17.45 -2.51
CA SER B 127 -26.81 17.46 -3.44
C SER B 127 -28.03 18.25 -2.96
N ILE B 128 -28.14 18.46 -1.65
CA ILE B 128 -29.33 19.10 -1.08
C ILE B 128 -29.10 20.49 -0.45
N GLY B 129 -27.84 20.85 -0.21
CA GLY B 129 -27.53 22.12 0.44
C GLY B 129 -27.60 22.01 1.95
N VAL B 130 -27.47 23.15 2.64
CA VAL B 130 -27.34 23.14 4.10
C VAL B 130 -28.60 23.55 4.88
N TYR B 131 -29.57 24.16 4.20
CA TYR B 131 -30.79 24.64 4.85
C TYR B 131 -31.74 23.49 5.22
N GLN B 132 -31.95 22.57 4.29
CA GLN B 132 -32.90 21.45 4.45
C GLN B 132 -32.67 20.65 5.73
N ASP B 133 -33.77 20.37 6.44
CA ASP B 133 -33.73 19.61 7.69
C ASP B 133 -33.40 18.15 7.45
N ILE B 134 -32.54 17.60 8.31
CA ILE B 134 -32.22 16.17 8.27
C ILE B 134 -33.37 15.42 8.92
N ASP B 135 -34.17 14.76 8.09
CA ASP B 135 -35.36 14.05 8.57
C ASP B 135 -35.12 12.55 8.70
N ASP B 136 -36.19 11.83 9.02
CA ASP B 136 -36.13 10.37 9.18
C ASP B 136 -35.75 9.65 7.88
N GLU B 137 -36.18 10.20 6.75
CA GLU B 137 -35.82 9.69 5.41
C GLU B 137 -34.31 9.79 5.14
N ILE B 138 -33.71 10.92 5.51
CA ILE B 138 -32.26 11.13 5.33
C ILE B 138 -31.43 10.27 6.28
N ARG B 139 -31.80 10.25 7.57
CA ARG B 139 -31.12 9.41 8.55
C ARG B 139 -31.26 7.94 8.18
N ASN B 140 -32.45 7.58 7.69
CA ASN B 140 -32.71 6.25 7.14
C ASN B 140 -31.66 5.90 6.08
N GLU B 141 -31.43 6.83 5.16
CA GLU B 141 -30.46 6.66 4.06
C GLU B 141 -29.04 6.44 4.59
N ALA B 142 -28.60 7.29 5.52
CA ALA B 142 -27.27 7.13 6.14
C ALA B 142 -27.13 5.78 6.83
N HIS B 143 -28.13 5.43 7.66
CA HIS B 143 -28.09 4.15 8.37
C HIS B 143 -28.09 2.96 7.43
N GLN B 144 -28.85 3.06 6.33
CA GLN B 144 -28.87 2.00 5.33
C GLN B 144 -27.52 1.83 4.66
N LEU B 145 -26.86 2.93 4.37
CA LEU B 145 -25.55 2.87 3.74
C LEU B 145 -24.49 2.31 4.68
N LEU B 146 -24.56 2.68 5.96
CA LEU B 146 -23.69 2.10 6.98
C LEU B 146 -23.84 0.58 7.09
N LYS B 147 -25.07 0.10 7.00
CA LYS B 147 -25.37 -1.34 6.95
C LYS B 147 -24.67 -1.99 5.74
N LEU B 148 -24.80 -1.37 4.57
CA LEU B 148 -24.15 -1.87 3.36
C LEU B 148 -22.63 -1.98 3.44
N VAL B 149 -22.00 -1.06 4.17
CA VAL B 149 -20.54 -1.09 4.28
C VAL B 149 -20.07 -1.83 5.53
N GLY B 150 -20.99 -2.47 6.22
CA GLY B 150 -20.67 -3.28 7.39
C GLY B 150 -20.35 -2.50 8.65
N MSE B 151 -20.81 -1.25 8.73
CA MSE B 151 -20.44 -0.36 9.84
C MSE B 151 -21.57 0.02 10.82
O MSE B 151 -21.37 0.90 11.67
CB MSE B 151 -19.76 0.89 9.29
CG MSE B 151 -18.39 0.65 8.66
SE MSE B 151 -17.12 -0.13 9.90
CE MSE B 151 -17.09 1.25 11.24
N SER B 152 -22.74 -0.61 10.70
CA SER B 152 -23.92 -0.31 11.56
C SER B 152 -23.62 -0.30 13.05
N ALA B 153 -22.83 -1.27 13.50
CA ALA B 153 -22.51 -1.43 14.90
C ALA B 153 -21.80 -0.20 15.46
N LYS B 154 -21.06 0.50 14.59
CA LYS B 154 -20.26 1.64 15.01
C LYS B 154 -20.82 3.02 14.59
N ALA B 155 -22.13 3.06 14.30
CA ALA B 155 -22.80 4.29 13.87
C ALA B 155 -22.64 5.43 14.86
N GLN B 156 -22.69 5.13 16.14
CA GLN B 156 -22.64 6.14 17.20
C GLN B 156 -21.22 6.46 17.67
N GLN B 157 -20.24 5.86 17.03
CA GLN B 157 -18.84 6.00 17.46
CA GLN B 157 -18.84 5.99 17.48
C GLN B 157 -18.13 7.19 16.87
N TYR B 158 -17.18 7.72 17.64
CA TYR B 158 -16.30 8.79 17.18
C TYR B 158 -15.40 8.20 16.12
N ILE B 159 -15.31 8.87 14.99
CA ILE B 159 -14.54 8.37 13.87
C ILE B 159 -13.08 8.13 14.25
N GLY B 160 -12.59 8.86 15.25
CA GLY B 160 -11.23 8.70 15.76
C GLY B 160 -10.88 7.31 16.29
N TYR B 161 -11.89 6.58 16.77
CA TYR B 161 -11.68 5.24 17.31
C TYR B 161 -11.65 4.15 16.25
N LEU B 162 -11.88 4.53 14.99
CA LEU B 162 -11.95 3.57 13.90
C LEU B 162 -10.60 3.25 13.30
N SER B 163 -10.45 2.03 12.76
CA SER B 163 -9.26 1.66 12.00
C SER B 163 -9.27 2.36 10.64
N THR B 164 -8.11 2.40 9.98
CA THR B 164 -8.02 2.97 8.63
C THR B 164 -9.03 2.33 7.70
N GLY B 165 -9.12 1.00 7.74
CA GLY B 165 -10.06 0.26 6.91
C GLY B 165 -11.50 0.62 7.23
N GLU B 166 -11.83 0.73 8.51
CA GLU B 166 -13.17 1.15 8.94
C GLU B 166 -13.50 2.58 8.47
N LYS B 167 -12.56 3.50 8.68
CA LYS B 167 -12.67 4.86 8.12
C LYS B 167 -12.96 4.90 6.61
N GLN B 168 -12.25 4.08 5.83
CA GLN B 168 -12.53 3.99 4.40
C GLN B 168 -13.95 3.54 4.12
N ARG B 169 -14.43 2.58 4.90
CA ARG B 169 -15.79 2.10 4.70
C ARG B 169 -16.84 3.18 4.98
N VAL B 170 -16.58 3.99 6.01
CA VAL B 170 -17.43 5.15 6.34
C VAL B 170 -17.42 6.19 5.19
N MSE B 171 -16.24 6.43 4.63
CA MSE B 171 -16.12 7.36 3.48
C MSE B 171 -16.91 6.89 2.27
O MSE B 171 -17.45 7.71 1.54
CB MSE B 171 -14.64 7.52 3.08
CG MSE B 171 -13.76 8.15 4.13
SE MSE B 171 -14.40 9.91 4.57
CE MSE B 171 -15.13 9.61 6.32
N ILE B 172 -16.97 5.58 2.07
CA ILE B 172 -17.73 5.03 0.95
C ILE B 172 -19.21 5.27 1.17
N ALA B 173 -19.67 5.01 2.40
CA ALA B 173 -21.05 5.26 2.77
C ALA B 173 -21.40 6.73 2.55
N ARG B 174 -20.51 7.62 3.01
CA ARG B 174 -20.69 9.06 2.83
C ARG B 174 -20.77 9.43 1.35
N ALA B 175 -19.87 8.85 0.55
CA ALA B 175 -19.81 9.14 -0.89
C ALA B 175 -21.10 8.75 -1.62
N LEU B 176 -21.77 7.71 -1.13
CA LEU B 176 -22.99 7.19 -1.74
C LEU B 176 -24.28 7.91 -1.34
N MSE B 177 -24.18 8.83 -0.39
CA MSE B 177 -25.31 9.69 -0.03
C MSE B 177 -25.70 10.56 -1.22
O MSE B 177 -24.84 11.08 -1.93
CB MSE B 177 -24.97 10.56 1.17
CG MSE B 177 -24.81 9.80 2.46
SE MSE B 177 -26.52 9.28 3.20
CE MSE B 177 -27.16 11.00 3.88
N GLY B 178 -27.01 10.69 -1.45
CA GLY B 178 -27.54 11.43 -2.61
C GLY B 178 -27.49 10.70 -3.94
N GLN B 179 -27.15 9.41 -3.89
CA GLN B 179 -27.25 8.51 -5.05
C GLN B 179 -26.47 9.04 -6.27
N PRO B 180 -25.12 9.14 -6.14
CA PRO B 180 -24.30 9.55 -7.27
C PRO B 180 -24.41 8.50 -8.36
N GLN B 181 -24.05 8.87 -9.57
CA GLN B 181 -24.12 7.93 -10.71
C GLN B 181 -22.81 7.18 -10.87
N VAL B 182 -21.72 7.75 -10.35
CA VAL B 182 -20.39 7.15 -10.40
CA VAL B 182 -20.43 7.08 -10.36
C VAL B 182 -19.72 7.19 -9.02
N LEU B 183 -19.12 6.07 -8.62
CA LEU B 183 -18.31 6.01 -7.41
C LEU B 183 -16.84 5.87 -7.82
N ILE B 184 -16.03 6.84 -7.44
CA ILE B 184 -14.61 6.90 -7.82
C ILE B 184 -13.77 6.67 -6.57
N LEU B 185 -12.91 5.65 -6.64
CA LEU B 185 -12.12 5.25 -5.47
C LEU B 185 -10.65 5.42 -5.80
N ASP B 186 -10.02 6.41 -5.16
CA ASP B 186 -8.63 6.72 -5.46
C ASP B 186 -7.69 5.93 -4.52
N GLU B 187 -7.18 4.82 -5.04
CA GLU B 187 -6.30 3.92 -4.29
C GLU B 187 -6.81 3.66 -2.88
N PRO B 188 -8.02 3.07 -2.77
CA PRO B 188 -8.72 3.00 -1.48
C PRO B 188 -8.08 1.98 -0.52
N ALA B 189 -7.27 1.08 -1.06
CA ALA B 189 -6.62 0.04 -0.24
C ALA B 189 -5.21 0.42 0.27
N ALA B 190 -4.77 1.65 -0.01
CA ALA B 190 -3.50 2.14 0.50
C ALA B 190 -3.39 1.99 2.04
N GLY B 191 -2.32 1.33 2.48
CA GLY B 191 -2.08 1.17 3.90
C GLY B 191 -2.88 0.07 4.60
N LEU B 192 -3.80 -0.60 3.89
CA LEU B 192 -4.57 -1.68 4.50
C LEU B 192 -3.82 -3.03 4.50
N ASP B 193 -3.97 -3.80 5.58
CA ASP B 193 -3.46 -5.19 5.58
C ASP B 193 -4.36 -6.09 4.73
N PHE B 194 -4.06 -7.39 4.67
CA PHE B 194 -4.78 -8.28 3.75
C PHE B 194 -6.27 -8.37 4.10
N ILE B 195 -6.56 -8.55 5.38
CA ILE B 195 -7.96 -8.71 5.81
C ILE B 195 -8.77 -7.42 5.56
N ALA B 196 -8.21 -6.26 5.93
CA ALA B 196 -8.86 -4.96 5.69
C ALA B 196 -9.08 -4.67 4.21
N ARG B 197 -8.06 -4.96 3.39
CA ARG B 197 -8.21 -4.88 1.94
C ARG B 197 -9.35 -5.76 1.42
N GLU B 198 -9.34 -7.04 1.81
CA GLU B 198 -10.39 -7.96 1.36
C GLU B 198 -11.79 -7.57 1.82
N SER B 199 -11.90 -7.03 3.03
CA SER B 199 -13.16 -6.51 3.55
C SER B 199 -13.68 -5.37 2.68
N LEU B 200 -12.79 -4.43 2.33
CA LEU B 200 -13.13 -3.32 1.43
C LEU B 200 -13.60 -3.81 0.05
N LEU B 201 -12.84 -4.72 -0.54
CA LEU B 201 -13.18 -5.24 -1.86
C LEU B 201 -14.50 -6.01 -1.85
N SER B 202 -14.75 -6.76 -0.78
CA SER B 202 -15.99 -7.48 -0.60
C SER B 202 -17.19 -6.52 -0.49
N ILE B 203 -17.00 -5.40 0.20
CA ILE B 203 -18.00 -4.32 0.25
C ILE B 203 -18.31 -3.76 -1.16
N LEU B 204 -17.27 -3.49 -1.94
CA LEU B 204 -17.47 -2.99 -3.31
C LEU B 204 -18.24 -4.00 -4.18
N ASP B 205 -17.95 -5.28 -4.01
CA ASP B 205 -18.70 -6.35 -4.68
C ASP B 205 -20.18 -6.32 -4.26
N SER B 206 -20.42 -6.22 -2.96
CA SER B 206 -21.78 -6.10 -2.43
C SER B 206 -22.51 -4.89 -2.99
N LEU B 207 -21.81 -3.75 -3.07
CA LEU B 207 -22.42 -2.52 -3.57
C LEU B 207 -22.76 -2.64 -5.05
N SER B 208 -21.93 -3.38 -5.78
CA SER B 208 -22.15 -3.65 -7.18
C SER B 208 -23.39 -4.53 -7.45
N ASP B 209 -23.61 -5.53 -6.59
CA ASP B 209 -24.80 -6.37 -6.65
C ASP B 209 -26.05 -5.60 -6.18
N SER B 210 -25.85 -4.73 -5.18
CA SER B 210 -26.94 -3.93 -4.62
C SER B 210 -27.39 -2.85 -5.60
N TYR B 211 -26.42 -2.31 -6.33
CA TYR B 211 -26.62 -1.20 -7.26
C TYR B 211 -25.93 -1.48 -8.59
N PRO B 212 -26.48 -2.41 -9.38
CA PRO B 212 -25.84 -2.79 -10.64
C PRO B 212 -25.75 -1.67 -11.69
N THR B 213 -26.58 -0.63 -11.58
CA THR B 213 -26.49 0.50 -12.50
C THR B 213 -25.44 1.54 -12.08
N LEU B 214 -24.92 1.41 -10.85
CA LEU B 214 -23.89 2.31 -10.37
C LEU B 214 -22.59 2.02 -11.11
N ALA B 215 -22.00 3.05 -11.72
CA ALA B 215 -20.69 2.91 -12.32
C ALA B 215 -19.63 3.13 -11.25
N MSE B 216 -18.51 2.44 -11.39
CA MSE B 216 -17.41 2.60 -10.45
C MSE B 216 -16.09 2.72 -11.18
O MSE B 216 -15.87 2.07 -12.20
CB MSE B 216 -17.36 1.41 -9.48
CG MSE B 216 -18.62 1.22 -8.65
SE MSE B 216 -18.26 -0.16 -7.36
CE MSE B 216 -20.01 -0.44 -6.63
N ILE B 217 -15.20 3.55 -10.64
CA ILE B 217 -13.82 3.64 -11.13
C ILE B 217 -12.90 3.37 -9.96
N TYR B 218 -12.12 2.31 -10.07
CA TYR B 218 -11.20 1.88 -9.01
C TYR B 218 -9.78 2.13 -9.49
N VAL B 219 -9.10 3.08 -8.83
CA VAL B 219 -7.75 3.50 -9.23
C VAL B 219 -6.74 2.76 -8.37
N THR B 220 -5.78 2.10 -9.00
CA THR B 220 -4.84 1.26 -8.27
C THR B 220 -3.56 1.05 -9.04
N HIS B 221 -2.53 0.62 -8.34
CA HIS B 221 -1.34 0.12 -9.03
C HIS B 221 -1.06 -1.34 -8.68
N PHE B 222 -2.06 -2.05 -8.15
CA PHE B 222 -1.93 -3.48 -7.88
C PHE B 222 -3.04 -4.30 -8.50
N ILE B 223 -2.69 -5.18 -9.43
CA ILE B 223 -3.70 -6.04 -10.09
C ILE B 223 -4.38 -6.99 -9.11
N GLU B 224 -3.72 -7.29 -7.98
CA GLU B 224 -4.27 -8.12 -6.91
C GLU B 224 -5.53 -7.54 -6.29
N GLU B 225 -5.74 -6.24 -6.49
CA GLU B 225 -6.93 -5.55 -6.01
C GLU B 225 -8.15 -5.64 -6.95
N ILE B 226 -7.97 -6.27 -8.11
CA ILE B 226 -9.04 -6.31 -9.13
C ILE B 226 -9.96 -7.51 -8.92
N THR B 227 -11.22 -7.23 -8.54
CA THR B 227 -12.17 -8.31 -8.30
C THR B 227 -12.92 -8.60 -9.60
N ALA B 228 -13.59 -9.76 -9.62
CA ALA B 228 -14.34 -10.23 -10.79
C ALA B 228 -15.43 -9.26 -11.25
N ASN B 229 -15.99 -8.45 -10.34
CA ASN B 229 -17.01 -7.46 -10.74
C ASN B 229 -16.46 -6.26 -11.52
N PHE B 230 -15.15 -6.07 -11.48
CA PHE B 230 -14.51 -5.03 -12.28
C PHE B 230 -13.99 -5.66 -13.57
N SER B 231 -14.71 -5.38 -14.67
CA SER B 231 -14.57 -6.11 -15.92
C SER B 231 -13.90 -5.27 -17.01
N LYS B 232 -13.67 -3.98 -16.73
CA LYS B 232 -13.05 -3.11 -17.71
C LYS B 232 -11.81 -2.45 -17.12
N ILE B 233 -10.81 -2.16 -17.94
CA ILE B 233 -9.56 -1.59 -17.46
C ILE B 233 -8.95 -0.61 -18.47
N LEU B 234 -8.40 0.49 -17.95
CA LEU B 234 -7.63 1.44 -18.75
C LEU B 234 -6.21 1.43 -18.22
N LEU B 235 -5.26 1.15 -19.10
CA LEU B 235 -3.84 1.16 -18.76
C LEU B 235 -3.23 2.51 -19.09
N LEU B 236 -2.81 3.22 -18.06
CA LEU B 236 -2.20 4.54 -18.21
C LEU B 236 -0.69 4.53 -17.95
N LYS B 237 0.05 5.10 -18.87
CA LYS B 237 1.51 5.15 -18.81
C LYS B 237 1.95 6.49 -19.36
N ASP B 238 2.66 7.26 -18.54
CA ASP B 238 3.20 8.55 -18.96
C ASP B 238 2.12 9.46 -19.58
N GLY B 239 0.97 9.54 -18.93
CA GLY B 239 -0.12 10.43 -19.37
C GLY B 239 -0.91 9.95 -20.58
N GLN B 240 -0.70 8.70 -20.98
CA GLN B 240 -1.35 8.19 -22.19
C GLN B 240 -2.06 6.88 -21.91
N SER B 241 -3.20 6.70 -22.56
CA SER B 241 -3.94 5.44 -22.49
C SER B 241 -3.30 4.46 -23.46
N ILE B 242 -2.62 3.45 -22.91
CA ILE B 242 -1.91 2.46 -23.73
C ILE B 242 -2.89 1.44 -24.31
N GLN B 243 -3.75 0.90 -23.44
CA GLN B 243 -4.76 -0.04 -23.84
C GLN B 243 -5.98 0.15 -22.98
N GLN B 244 -7.13 -0.15 -23.54
CA GLN B 244 -8.35 -0.24 -22.74
C GLN B 244 -9.32 -1.26 -23.30
N GLY B 245 -10.09 -1.89 -22.41
CA GLY B 245 -11.03 -2.94 -22.82
C GLY B 245 -11.30 -3.91 -21.68
N ALA B 246 -11.67 -5.14 -22.04
CA ALA B 246 -12.01 -6.16 -21.05
C ALA B 246 -10.77 -6.59 -20.27
N VAL B 247 -10.91 -6.72 -18.96
CA VAL B 247 -9.81 -7.15 -18.08
C VAL B 247 -9.22 -8.51 -18.54
N GLU B 248 -10.10 -9.48 -18.81
CA GLU B 248 -9.70 -10.79 -19.34
C GLU B 248 -8.76 -10.69 -20.57
N ASP B 249 -9.00 -9.69 -21.42
CA ASP B 249 -8.26 -9.48 -22.66
C ASP B 249 -6.94 -8.74 -22.43
N ILE B 250 -6.93 -7.83 -21.47
CA ILE B 250 -5.80 -6.93 -21.30
C ILE B 250 -4.80 -7.46 -20.28
N LEU B 251 -5.30 -8.05 -19.21
CA LEU B 251 -4.43 -8.57 -18.15
C LEU B 251 -3.87 -9.93 -18.51
N THR B 252 -2.87 -9.92 -19.38
CA THR B 252 -2.17 -11.13 -19.79
C THR B 252 -0.67 -10.88 -19.69
N SER B 253 0.09 -11.96 -19.57
CA SER B 253 1.55 -11.90 -19.53
C SER B 253 2.13 -11.06 -20.66
N GLU B 254 1.66 -11.31 -21.89
CA GLU B 254 2.15 -10.61 -23.09
C GLU B 254 1.88 -9.10 -23.05
N ASN B 255 0.64 -8.72 -22.72
CA ASN B 255 0.25 -7.31 -22.69
C ASN B 255 0.94 -6.53 -21.58
N MSE B 256 1.02 -7.14 -20.40
CA MSE B 256 1.61 -6.46 -19.26
C MSE B 256 3.12 -6.38 -19.41
O MSE B 256 3.74 -5.40 -18.99
CB MSE B 256 1.18 -7.14 -17.97
CG MSE B 256 -0.33 -7.07 -17.72
SE MSE B 256 -1.00 -5.23 -17.84
CE MSE B 256 -0.21 -4.52 -16.22
N SER B 257 3.71 -7.40 -20.03
CA SER B 257 5.14 -7.36 -20.36
C SER B 257 5.46 -6.19 -21.28
N ARG B 258 4.65 -6.03 -22.35
CA ARG B 258 4.77 -4.88 -23.24
C ARG B 258 4.53 -3.54 -22.54
N PHE B 259 3.55 -3.49 -21.64
CA PHE B 259 3.23 -2.29 -20.87
C PHE B 259 4.45 -1.82 -20.05
N PHE B 260 5.12 -2.76 -19.39
CA PHE B 260 6.22 -2.44 -18.47
C PHE B 260 7.59 -2.40 -19.17
N GLN B 261 7.65 -3.02 -20.35
CA GLN B 261 8.91 -3.34 -21.02
C GLN B 261 9.79 -4.20 -20.12
N LYS B 262 9.16 -5.17 -19.47
CA LYS B 262 9.80 -6.08 -18.52
C LYS B 262 9.04 -7.40 -18.54
N ASN B 263 9.75 -8.52 -18.40
CA ASN B 263 9.11 -9.83 -18.45
C ASN B 263 8.35 -10.20 -17.19
N VAL B 264 7.03 -10.23 -17.32
CA VAL B 264 6.13 -10.56 -16.22
C VAL B 264 5.19 -11.68 -16.62
N ALA B 265 4.67 -12.40 -15.63
CA ALA B 265 3.69 -13.45 -15.87
C ALA B 265 2.42 -13.13 -15.10
N VAL B 266 1.29 -13.18 -15.79
CA VAL B 266 -0.01 -12.90 -15.20
C VAL B 266 -0.87 -14.17 -15.24
N GLN B 267 -1.59 -14.43 -14.15
CA GLN B 267 -2.54 -15.53 -14.13
C GLN B 267 -3.83 -15.07 -13.47
N ARG B 268 -4.96 -15.59 -13.93
CA ARG B 268 -6.22 -15.48 -13.21
C ARG B 268 -6.37 -16.80 -12.45
N TRP B 269 -6.52 -16.68 -11.13
CA TRP B 269 -6.60 -17.84 -10.27
C TRP B 269 -7.56 -17.48 -9.14
N ASN B 270 -8.54 -18.36 -8.89
CA ASN B 270 -9.61 -18.10 -7.91
C ASN B 270 -10.29 -16.72 -8.09
N ASN B 271 -10.57 -16.38 -9.35
CA ASN B 271 -11.31 -15.15 -9.71
C ASN B 271 -10.54 -13.85 -9.41
N ARG B 272 -9.23 -13.97 -9.23
CA ARG B 272 -8.37 -12.83 -8.93
C ARG B 272 -7.12 -12.97 -9.76
N PHE B 273 -6.39 -11.87 -9.93
CA PHE B 273 -5.19 -11.88 -10.75
C PHE B 273 -3.94 -11.90 -9.92
N SER B 274 -2.96 -12.67 -10.38
CA SER B 274 -1.62 -12.63 -9.81
C SER B 274 -0.64 -12.19 -10.90
N MSE B 275 0.45 -11.54 -10.49
CA MSE B 275 1.47 -11.11 -11.42
C MSE B 275 2.83 -11.28 -10.78
O MSE B 275 3.05 -10.84 -9.66
CB MSE B 275 1.25 -9.65 -11.85
CG MSE B 275 2.29 -9.11 -12.83
SE MSE B 275 1.61 -7.61 -13.87
CE MSE B 275 1.57 -6.24 -12.47
N ALA B 276 3.73 -11.93 -11.50
CA ALA B 276 5.06 -12.19 -10.99
C ALA B 276 6.11 -11.65 -11.94
N MSE B 277 7.07 -10.93 -11.37
CA MSE B 277 8.26 -10.51 -12.08
C MSE B 277 9.08 -11.75 -12.41
O MSE B 277 9.32 -12.59 -11.54
CB MSE B 277 9.06 -9.54 -11.22
CG MSE B 277 10.32 -9.00 -11.88
SE MSE B 277 9.83 -8.06 -13.48
CE MSE B 277 9.37 -6.32 -12.72
N LEU B 278 9.49 -11.87 -13.68
CA LEU B 278 10.29 -13.01 -14.13
C LEU B 278 11.79 -12.71 -14.17
S SO4 C . 1.82 -3.97 14.09
O1 SO4 C . 1.30 -3.89 15.44
O2 SO4 C . 1.85 -5.38 13.69
O3 SO4 C . 3.17 -3.42 14.01
O4 SO4 C . 0.96 -3.24 13.16
S SO4 D . -0.35 9.12 -10.54
O1 SO4 D . -0.56 8.02 -11.48
O2 SO4 D . -1.61 9.57 -9.96
O3 SO4 D . 0.33 10.19 -11.28
O4 SO4 D . 0.53 8.66 -9.46
#